data_4RBO
#
_entry.id   4RBO
#
_cell.length_a   215.603
_cell.length_b   215.603
_cell.length_c   42.269
_cell.angle_alpha   90.000
_cell.angle_beta   90.000
_cell.angle_gamma   120.000
#
_symmetry.space_group_name_H-M   'P 65 2 2'
#
loop_
_entity.id
_entity.type
_entity.pdbx_description
1 polymer 'Putative homeobox protein NANOGP8'
2 polymer "5'-D(*GP*GP*CP*CP*CP*AP*TP*TP*CP*AP*AP*G)-3'"
3 polymer "5'-D(*CP*TP*TP*GP*AP*AP*TP*GP*GP*GP*CP*C)-3'"
#
loop_
_entity_poly.entity_id
_entity_poly.type
_entity_poly.pdbx_seq_one_letter_code
_entity_poly.pdbx_strand_id
1 'polypeptide(L)' GKKQKTRTVFSSTQLCVLNDRFQRQKYLSLQQMQELSNILNLSYKQVKTWFQNQRMKSKRWQKNNWPKNS A,D
2 'polydeoxyribonucleotide' (DG)(DG)(DC)(DC)(DC)(DA)(DT)(DT)(DC)(DA)(DA)(DG) B,E
3 'polydeoxyribonucleotide' (DC)(DT)(DT)(DG)(DA)(DA)(DT)(DG)(DG)(DG)(DC)(DC) C,F
#
loop_
_chem_comp.id
_chem_comp.type
_chem_comp.name
_chem_comp.formula
DA DNA linking 2'-DEOXYADENOSINE-5'-MONOPHOSPHATE 'C10 H14 N5 O6 P'
DC DNA linking 2'-DEOXYCYTIDINE-5'-MONOPHOSPHATE 'C9 H14 N3 O7 P'
DG DNA linking 2'-DEOXYGUANOSINE-5'-MONOPHOSPHATE 'C10 H14 N5 O7 P'
DT DNA linking THYMIDINE-5'-MONOPHOSPHATE 'C10 H15 N2 O8 P'
#
# COMPACT_ATOMS: atom_id res chain seq x y z
N THR A 8 -4.83 15.41 -19.97
CA THR A 8 -5.06 14.00 -20.26
C THR A 8 -6.31 13.52 -19.50
N VAL A 9 -6.90 12.45 -20.00
CA VAL A 9 -8.07 11.85 -19.38
C VAL A 9 -8.12 10.37 -19.70
N PHE A 10 -8.57 9.57 -18.74
CA PHE A 10 -8.61 8.12 -18.90
C PHE A 10 -10.00 7.64 -19.30
N SER A 11 -10.05 6.48 -19.94
CA SER A 11 -11.31 5.90 -20.38
C SER A 11 -12.08 5.34 -19.19
N SER A 12 -13.37 5.09 -19.37
CA SER A 12 -14.15 4.46 -18.32
C SER A 12 -13.67 3.02 -18.19
N THR A 13 -13.30 2.43 -19.32
CA THR A 13 -12.73 1.09 -19.36
C THR A 13 -11.47 0.98 -18.52
N GLN A 14 -10.66 2.03 -18.56
CA GLN A 14 -9.36 2.03 -17.90
C GLN A 14 -9.51 2.25 -16.39
N LEU A 15 -10.31 3.24 -16.02
CA LEU A 15 -10.54 3.54 -14.61
C LEU A 15 -11.05 2.31 -13.88
N CYS A 16 -11.76 1.47 -14.62
CA CYS A 16 -12.26 0.22 -14.08
C CYS A 16 -11.17 -0.69 -13.57
N VAL A 17 -10.39 -1.23 -14.50
CA VAL A 17 -9.33 -2.17 -14.15
C VAL A 17 -8.36 -1.51 -13.18
N LEU A 18 -8.12 -0.21 -13.38
CA LEU A 18 -7.26 0.55 -12.49
C LEU A 18 -7.78 0.54 -11.05
N ASN A 19 -9.02 1.00 -10.87
CA ASN A 19 -9.64 1.02 -9.55
C ASN A 19 -9.73 -0.38 -8.94
N ASP A 20 -10.09 -1.36 -9.76
CA ASP A 20 -10.19 -2.73 -9.29
C ASP A 20 -8.84 -3.22 -8.77
N ARG A 21 -7.80 -3.01 -9.55
CA ARG A 21 -6.45 -3.40 -9.15
C ARG A 21 -6.04 -2.66 -7.89
N PHE A 22 -6.32 -1.37 -7.85
CA PHE A 22 -5.96 -0.54 -6.71
C PHE A 22 -6.63 -1.01 -5.42
N GLN A 23 -7.92 -1.31 -5.51
CA GLN A 23 -8.68 -1.77 -4.34
C GLN A 23 -8.04 -3.00 -3.72
N ARG A 24 -7.46 -3.86 -4.55
CA ARG A 24 -6.88 -5.12 -4.08
C ARG A 24 -5.35 -5.06 -3.89
N GLN A 25 -4.72 -4.02 -4.43
CA GLN A 25 -3.27 -3.88 -4.31
C GLN A 25 -2.87 -2.40 -4.40
N LYS A 26 -2.44 -1.84 -3.27
CA LYS A 26 -2.14 -0.40 -3.21
C LYS A 26 -0.73 -0.05 -3.66
N TYR A 27 0.15 -1.05 -3.70
CA TYR A 27 1.53 -0.83 -4.17
C TYR A 27 1.88 -1.85 -5.24
N LEU A 28 2.27 -1.36 -6.42
CA LEU A 28 2.53 -2.19 -7.58
C LEU A 28 4.02 -2.19 -7.92
N SER A 29 4.51 -3.33 -8.39
CA SER A 29 5.91 -3.44 -8.82
C SER A 29 6.10 -2.71 -10.15
N LEU A 30 7.36 -2.62 -10.57
CA LEU A 30 7.69 -2.01 -11.84
C LEU A 30 7.07 -2.80 -12.99
N GLN A 31 7.32 -4.11 -12.99
CA GLN A 31 6.83 -5.00 -14.03
C GLN A 31 5.32 -4.95 -14.11
N GLN A 32 4.67 -5.02 -12.95
CA GLN A 32 3.21 -5.03 -12.88
C GLN A 32 2.63 -3.76 -13.46
N MET A 33 3.18 -2.62 -13.05
CA MET A 33 2.77 -1.33 -13.57
C MET A 33 2.97 -1.29 -15.08
N GLN A 34 4.13 -1.76 -15.52
CA GLN A 34 4.48 -1.69 -16.94
C GLN A 34 3.59 -2.59 -17.81
N GLU A 35 3.27 -3.78 -17.34
CA GLU A 35 2.40 -4.68 -18.10
C GLU A 35 0.97 -4.12 -18.09
N LEU A 36 0.54 -3.69 -16.91
CA LEU A 36 -0.76 -3.06 -16.76
C LEU A 36 -0.88 -1.88 -17.71
N SER A 37 0.22 -1.13 -17.84
CA SER A 37 0.25 -0.01 -18.76
C SER A 37 0.21 -0.50 -20.21
N ASN A 38 0.95 -1.56 -20.51
CA ASN A 38 0.95 -2.13 -21.86
C ASN A 38 -0.43 -2.54 -22.34
N ILE A 39 -1.13 -3.34 -21.54
CA ILE A 39 -2.43 -3.85 -21.97
C ILE A 39 -3.49 -2.75 -22.02
N LEU A 40 -3.18 -1.59 -21.44
CA LEU A 40 -4.08 -0.44 -21.50
C LEU A 40 -3.61 0.61 -22.50
N ASN A 41 -2.52 0.31 -23.22
CA ASN A 41 -1.92 1.24 -24.17
C ASN A 41 -1.68 2.60 -23.51
N LEU A 42 -1.13 2.56 -22.30
CA LEU A 42 -0.75 3.76 -21.57
C LEU A 42 0.74 3.72 -21.28
N SER A 43 1.31 4.86 -20.92
CA SER A 43 2.73 4.91 -20.55
C SER A 43 2.86 4.53 -19.09
N TYR A 44 4.05 4.07 -18.71
CA TYR A 44 4.33 3.67 -17.34
C TYR A 44 4.13 4.85 -16.38
N LYS A 45 4.58 6.02 -16.83
CA LYS A 45 4.57 7.24 -16.04
C LYS A 45 3.16 7.58 -15.54
N GLN A 46 2.19 7.59 -16.43
CA GLN A 46 0.83 8.00 -16.09
C GLN A 46 0.15 7.00 -15.16
N VAL A 47 0.53 5.73 -15.27
CA VAL A 47 -0.04 4.68 -14.42
C VAL A 47 0.56 4.81 -13.01
N LYS A 48 1.88 4.93 -12.95
CA LYS A 48 2.58 5.13 -11.68
C LYS A 48 2.02 6.36 -10.97
N THR A 49 1.89 7.44 -11.74
CA THR A 49 1.35 8.70 -11.24
C THR A 49 -0.05 8.47 -10.70
N TRP A 50 -0.90 7.83 -11.50
CA TRP A 50 -2.26 7.51 -11.07
C TRP A 50 -2.25 6.81 -9.72
N PHE A 51 -1.49 5.72 -9.61
CA PHE A 51 -1.42 4.98 -8.36
C PHE A 51 -1.00 5.86 -7.19
N GLN A 52 0.07 6.63 -7.36
CA GLN A 52 0.48 7.58 -6.32
C GLN A 52 -0.68 8.48 -5.88
N ASN A 53 -1.30 9.13 -6.86
CA ASN A 53 -2.43 10.01 -6.59
C ASN A 53 -3.52 9.28 -5.83
N GLN A 54 -3.76 8.02 -6.21
CA GLN A 54 -4.77 7.22 -5.55
C GLN A 54 -4.38 6.92 -4.09
N ARG A 55 -3.09 6.65 -3.85
CA ARG A 55 -2.62 6.48 -2.48
C ARG A 55 -2.90 7.74 -1.67
N MET A 56 -2.59 8.90 -2.24
CA MET A 56 -2.94 10.18 -1.58
C MET A 56 -4.43 10.27 -1.28
N LYS A 57 -5.25 10.01 -2.30
CA LYS A 57 -6.70 10.00 -2.14
C LYS A 57 -7.11 9.11 -0.98
N SER A 58 -6.54 7.91 -0.94
CA SER A 58 -6.85 6.95 0.11
C SER A 58 -6.48 7.51 1.47
N LYS A 59 -5.31 8.14 1.55
CA LYS A 59 -4.89 8.81 2.77
C LYS A 59 -5.92 9.83 3.24
N ARG A 60 -6.23 10.80 2.37
CA ARG A 60 -7.13 11.91 2.73
C ARG A 60 -8.36 11.55 3.58
N TRP A 61 -9.09 10.49 3.22
CA TRP A 61 -10.36 10.19 3.88
C TRP A 61 -10.19 9.98 5.38
N GLN A 62 -10.52 11.03 6.14
CA GLN A 62 -10.42 10.98 7.60
C GLN A 62 -11.63 11.68 8.23
N THR D 8 4.35 -15.37 20.72
CA THR D 8 5.37 -14.33 20.78
C THR D 8 4.70 -12.97 20.85
N VAL D 9 5.41 -11.96 21.36
CA VAL D 9 4.88 -10.60 21.41
C VAL D 9 6.04 -9.60 21.41
N PHE D 10 5.81 -8.43 20.81
CA PHE D 10 6.86 -7.42 20.70
C PHE D 10 6.74 -6.44 21.86
N SER D 11 7.83 -5.74 22.14
CA SER D 11 7.88 -4.80 23.25
C SER D 11 7.04 -3.57 22.96
N SER D 12 6.80 -2.77 23.99
CA SER D 12 6.03 -1.55 23.86
C SER D 12 6.75 -0.52 23.00
N THR D 13 8.08 -0.52 23.05
CA THR D 13 8.88 0.39 22.23
C THR D 13 8.55 0.21 20.76
N GLN D 14 8.40 -1.05 20.34
CA GLN D 14 8.10 -1.35 18.94
C GLN D 14 6.61 -1.14 18.64
N LEU D 15 5.75 -1.68 19.52
CA LEU D 15 4.31 -1.58 19.34
C LEU D 15 3.88 -0.12 19.20
N CYS D 16 4.58 0.75 19.91
CA CYS D 16 4.32 2.18 19.83
C CYS D 16 4.53 2.73 18.42
N VAL D 17 5.78 2.71 17.94
CA VAL D 17 6.11 3.24 16.62
C VAL D 17 5.25 2.57 15.56
N LEU D 18 4.97 1.28 15.76
CA LEU D 18 4.08 0.55 14.87
C LEU D 18 2.71 1.22 14.81
N ASN D 19 2.06 1.38 15.97
CA ASN D 19 0.76 2.05 16.01
C ASN D 19 0.83 3.46 15.44
N ASP D 20 1.90 4.18 15.74
CA ASP D 20 2.07 5.54 15.26
C ASP D 20 2.07 5.55 13.74
N ARG D 21 2.84 4.66 13.13
CA ARG D 21 2.86 4.54 11.68
C ARG D 21 1.48 4.15 11.16
N PHE D 22 0.85 3.19 11.83
CA PHE D 22 -0.47 2.72 11.42
C PHE D 22 -1.51 3.83 11.39
N GLN D 23 -1.52 4.68 12.41
CA GLN D 23 -2.51 5.74 12.51
C GLN D 23 -2.58 6.63 11.27
N ARG D 24 -1.43 6.91 10.66
CA ARG D 24 -1.36 7.83 9.52
C ARG D 24 -1.25 7.12 8.16
N GLN D 25 -0.98 5.82 8.17
CA GLN D 25 -0.82 5.07 6.93
C GLN D 25 -1.20 3.60 7.10
N LYS D 26 -2.32 3.21 6.49
CA LYS D 26 -2.88 1.87 6.68
C LYS D 26 -2.30 0.83 5.72
N TYR D 27 -1.67 1.27 4.63
CA TYR D 27 -1.06 0.36 3.67
C TYR D 27 0.40 0.73 3.39
N LEU D 28 1.29 -0.23 3.60
CA LEU D 28 2.73 -0.01 3.49
C LEU D 28 3.32 -0.76 2.30
N SER D 29 4.32 -0.17 1.67
CA SER D 29 5.01 -0.82 0.55
C SER D 29 5.93 -1.91 1.09
N LEU D 30 6.54 -2.66 0.16
CA LEU D 30 7.50 -3.68 0.53
C LEU D 30 8.69 -3.03 1.22
N GLN D 31 9.25 -2.03 0.56
CA GLN D 31 10.42 -1.30 1.05
C GLN D 31 10.14 -0.72 2.43
N GLN D 32 8.99 -0.07 2.57
CA GLN D 32 8.62 0.59 3.82
C GLN D 32 8.52 -0.42 4.96
N MET D 33 7.84 -1.53 4.69
CA MET D 33 7.73 -2.59 5.68
C MET D 33 9.11 -3.14 6.04
N GLN D 34 9.93 -3.40 5.02
CA GLN D 34 11.26 -3.98 5.25
C GLN D 34 12.18 -3.02 6.01
N GLU D 35 12.10 -1.73 5.71
CA GLU D 35 12.92 -0.75 6.41
C GLU D 35 12.42 -0.63 7.85
N LEU D 36 11.10 -0.56 8.01
CA LEU D 36 10.50 -0.53 9.34
C LEU D 36 10.91 -1.76 10.15
N SER D 37 10.97 -2.91 9.48
CA SER D 37 11.39 -4.14 10.12
C SER D 37 12.87 -4.08 10.46
N ASN D 38 13.65 -3.54 9.52
CA ASN D 38 15.09 -3.39 9.70
C ASN D 38 15.42 -2.57 10.93
N ILE D 39 14.83 -1.39 11.03
CA ILE D 39 15.17 -0.50 12.15
C ILE D 39 14.64 -1.00 13.49
N LEU D 40 13.72 -1.97 13.45
CA LEU D 40 13.20 -2.61 14.67
C LEU D 40 13.78 -4.00 14.87
N ASN D 41 14.73 -4.38 14.01
CA ASN D 41 15.36 -5.70 14.07
C ASN D 41 14.31 -6.81 14.13
N LEU D 42 13.31 -6.68 13.27
CA LEU D 42 12.26 -7.68 13.12
C LEU D 42 12.27 -8.19 11.69
N SER D 43 11.60 -9.31 11.46
CA SER D 43 11.46 -9.86 10.12
C SER D 43 10.32 -9.17 9.40
N TYR D 44 10.34 -9.21 8.08
CA TYR D 44 9.28 -8.62 7.28
C TYR D 44 7.93 -9.24 7.64
N LYS D 45 7.95 -10.55 7.81
CA LYS D 45 6.75 -11.34 8.05
C LYS D 45 5.93 -10.84 9.24
N GLN D 46 6.59 -10.65 10.38
CA GLN D 46 5.87 -10.29 11.60
C GLN D 46 5.28 -8.89 11.51
N VAL D 47 5.95 -8.01 10.75
CA VAL D 47 5.49 -6.65 10.57
C VAL D 47 4.31 -6.59 9.61
N LYS D 48 4.46 -7.23 8.45
CA LYS D 48 3.37 -7.31 7.47
C LYS D 48 2.15 -7.96 8.14
N THR D 49 2.40 -9.04 8.86
CA THR D 49 1.37 -9.75 9.59
C THR D 49 0.68 -8.81 10.57
N TRP D 50 1.48 -8.11 11.37
CA TRP D 50 0.94 -7.14 12.32
C TRP D 50 -0.01 -6.17 11.60
N PHE D 51 0.47 -5.54 10.53
CA PHE D 51 -0.35 -4.60 9.78
C PHE D 51 -1.66 -5.23 9.28
N GLN D 52 -1.56 -6.41 8.69
CA GLN D 52 -2.74 -7.15 8.26
C GLN D 52 -3.75 -7.26 9.40
N ASN D 53 -3.28 -7.80 10.54
CA ASN D 53 -4.12 -7.94 11.72
C ASN D 53 -4.72 -6.61 12.15
N GLN D 54 -3.94 -5.54 12.05
CA GLN D 54 -4.41 -4.22 12.43
C GLN D 54 -5.54 -3.73 11.50
N ARG D 55 -5.39 -3.98 10.20
CA ARG D 55 -6.48 -3.69 9.27
C ARG D 55 -7.74 -4.45 9.68
N MET D 56 -7.58 -5.75 9.95
CA MET D 56 -8.70 -6.56 10.43
C MET D 56 -9.36 -5.98 11.68
N LYS D 57 -8.56 -5.68 12.70
CA LYS D 57 -9.10 -5.06 13.91
C LYS D 57 -9.84 -3.77 13.55
N SER D 58 -9.24 -2.98 12.68
CA SER D 58 -9.81 -1.69 12.28
C SER D 58 -11.20 -1.86 11.66
N LYS D 59 -11.37 -2.88 10.83
CA LYS D 59 -12.70 -3.16 10.28
C LYS D 59 -13.81 -3.23 11.34
N ARG D 60 -13.68 -4.18 12.27
CA ARG D 60 -14.67 -4.43 13.31
C ARG D 60 -15.26 -3.19 13.97
N TRP D 61 -14.38 -2.30 14.42
CA TRP D 61 -14.79 -1.14 15.21
C TRP D 61 -15.73 -0.24 14.42
#